data_1GAW
#
_entry.id   1GAW
#
_cell.length_a   74.680
_cell.length_b   108.890
_cell.length_c   44.370
_cell.angle_alpha   90.00
_cell.angle_beta   96.92
_cell.angle_gamma   90.00
#
_symmetry.space_group_name_H-M   'P 1 21 1'
#
loop_
_entity.id
_entity.type
_entity.pdbx_description
1 polymer 'FERREDOXIN-NADP+ REDUCTASE'
2 non-polymer 'FLAVIN-ADENINE DINUCLEOTIDE'
3 water water
#
_entity_poly.entity_id   1
_entity_poly.type   'polypeptide(L)'
_entity_poly.pdbx_seq_one_letter_code
;IRAQASAVEAPATAKAKKESKKQEEGVVTNLYKPKEPYVGRCLLNTKITGDDAPGETWHMVFSTEGKIPYREGQSIGVIA
DGVDKNGKPHKVRLYSIASSAIGDFGDSKTVSLCVKRLIYTNDAGEIVKGVCSNFLCDLQPGDNVQITGPVGKEMLMPKD
PNATIIMLATGTGIAPFRSFLWKMFFEKHDDYKFNGLGWLFLGVPTSSSLLYKEEFGKMKERAPENFRVDYAVSREQTNA
AGERMYIQTRMAEYKEELWELLKKDNTYVYMCGLKGMEKGIDDIMVSLAEKDGIDWFDYKKQLKRGDQWNVEVY
;
_entity_poly.pdbx_strand_id   A,B
#
# COMPACT_ATOMS: atom_id res chain seq x y z
N PRO A 11 -16.95 -41.03 8.31
CA PRO A 11 -17.18 -41.45 9.71
C PRO A 11 -18.65 -41.70 10.02
N ALA A 12 -18.91 -42.52 11.04
CA ALA A 12 -20.27 -42.84 11.46
C ALA A 12 -20.83 -41.68 12.28
N THR A 13 -20.56 -40.46 11.80
CA THR A 13 -21.01 -39.25 12.47
C THR A 13 -22.24 -38.64 11.80
N ALA A 14 -22.98 -37.87 12.58
CA ALA A 14 -24.18 -37.20 12.11
C ALA A 14 -23.89 -36.05 11.17
N LYS A 15 -24.35 -36.19 9.93
CA LYS A 15 -24.19 -35.16 8.91
C LYS A 15 -25.57 -35.00 8.28
N ALA A 16 -26.34 -34.07 8.81
CA ALA A 16 -27.68 -33.84 8.30
C ALA A 16 -27.70 -32.75 7.22
N LYS A 17 -26.87 -31.74 7.37
CA LYS A 17 -26.82 -30.65 6.40
C LYS A 17 -26.26 -31.03 5.04
N LYS A 18 -26.56 -30.18 4.07
CA LYS A 18 -26.13 -30.37 2.68
C LYS A 18 -24.73 -29.82 2.45
N GLU A 19 -23.91 -30.59 1.73
CA GLU A 19 -22.54 -30.19 1.42
C GLU A 19 -22.51 -29.39 0.13
N SER A 20 -21.98 -28.18 0.23
CA SER A 20 -21.86 -27.31 -0.93
C SER A 20 -20.51 -27.53 -1.58
N LYS A 21 -20.35 -27.01 -2.79
CA LYS A 21 -19.10 -27.10 -3.53
C LYS A 21 -18.32 -25.80 -3.34
N LYS A 22 -18.88 -24.89 -2.55
CA LYS A 22 -18.25 -23.60 -2.26
C LYS A 22 -17.63 -23.60 -0.87
N GLN A 23 -16.69 -22.70 -0.63
CA GLN A 23 -16.04 -22.62 0.67
C GLN A 23 -16.91 -21.91 1.69
N GLU A 24 -17.78 -22.67 2.34
CA GLU A 24 -18.69 -22.12 3.36
C GLU A 24 -18.22 -22.27 4.79
N GLU A 25 -17.18 -23.08 5.01
CA GLU A 25 -16.66 -23.30 6.35
C GLU A 25 -16.06 -22.03 6.96
N GLY A 26 -16.60 -21.61 8.11
CA GLY A 26 -16.11 -20.43 8.79
C GLY A 26 -16.64 -19.11 8.25
N VAL A 27 -17.52 -19.17 7.27
CA VAL A 27 -18.08 -17.98 6.68
C VAL A 27 -19.08 -17.35 7.66
N VAL A 28 -18.95 -16.06 7.91
CA VAL A 28 -19.87 -15.38 8.82
C VAL A 28 -20.67 -14.32 8.07
N THR A 29 -21.90 -14.11 8.49
CA THR A 29 -22.76 -13.11 7.88
C THR A 29 -23.51 -12.32 8.95
N ASN A 30 -23.75 -11.04 8.65
CA ASN A 30 -24.46 -10.13 9.54
C ASN A 30 -23.91 -10.03 10.96
N LEU A 31 -22.60 -9.84 11.08
CA LEU A 31 -21.97 -9.71 12.38
C LEU A 31 -22.36 -8.34 12.90
N TYR A 32 -22.37 -7.36 12.00
CA TYR A 32 -22.73 -6.00 12.32
C TYR A 32 -24.00 -5.65 11.55
N LYS A 33 -24.97 -5.09 12.26
CA LYS A 33 -26.25 -4.72 11.65
C LYS A 33 -26.45 -3.20 11.68
N PRO A 34 -27.42 -2.70 10.89
CA PRO A 34 -27.73 -1.27 10.80
C PRO A 34 -27.90 -0.56 12.15
N LYS A 35 -28.51 -1.24 13.12
CA LYS A 35 -28.74 -0.66 14.43
C LYS A 35 -27.41 -0.29 15.13
N GLU A 36 -26.41 -1.13 14.98
CA GLU A 36 -25.10 -0.89 15.59
C GLU A 36 -24.02 -1.27 14.60
N PRO A 37 -23.76 -0.41 13.60
CA PRO A 37 -22.74 -0.70 12.60
C PRO A 37 -21.32 -0.58 13.15
N TYR A 38 -20.37 -1.12 12.40
CA TYR A 38 -18.97 -1.01 12.79
C TYR A 38 -18.52 0.31 12.17
N VAL A 39 -17.78 1.11 12.93
CA VAL A 39 -17.32 2.38 12.42
C VAL A 39 -15.85 2.27 11.99
N GLY A 40 -15.64 2.17 10.68
CA GLY A 40 -14.29 2.07 10.14
C GLY A 40 -13.75 3.43 9.79
N ARG A 41 -12.56 3.47 9.22
CA ARG A 41 -11.94 4.73 8.84
C ARG A 41 -11.32 4.62 7.44
N CYS A 42 -11.48 5.67 6.65
CA CYS A 42 -10.92 5.67 5.31
C CYS A 42 -9.41 5.88 5.37
N LEU A 43 -8.67 4.97 4.74
CA LEU A 43 -7.21 5.03 4.71
C LEU A 43 -6.74 5.58 3.36
N LEU A 44 -7.45 5.18 2.31
CA LEU A 44 -7.13 5.60 0.95
C LEU A 44 -8.38 5.67 0.10
N ASN A 45 -8.37 6.57 -0.87
CA ASN A 45 -9.49 6.72 -1.81
C ASN A 45 -8.92 7.30 -3.09
N THR A 46 -8.84 6.48 -4.13
CA THR A 46 -8.27 6.90 -5.40
C THR A 46 -9.18 6.68 -6.62
N LYS A 47 -9.24 7.66 -7.50
CA LYS A 47 -10.06 7.52 -8.70
C LYS A 47 -9.25 6.63 -9.64
N ILE A 48 -9.83 5.52 -10.05
CA ILE A 48 -9.12 4.59 -10.92
C ILE A 48 -9.53 4.61 -12.39
N THR A 49 -10.45 5.49 -12.75
CA THR A 49 -10.87 5.60 -14.14
C THR A 49 -10.18 6.81 -14.75
N GLY A 50 -10.05 6.83 -16.06
CA GLY A 50 -9.43 7.96 -16.72
C GLY A 50 -10.34 9.16 -16.67
N ASP A 51 -9.78 10.35 -16.83
CA ASP A 51 -10.58 11.59 -16.79
C ASP A 51 -11.66 11.63 -17.87
N ASP A 52 -11.42 10.91 -18.97
CA ASP A 52 -12.38 10.89 -20.08
C ASP A 52 -13.46 9.82 -19.92
N ALA A 53 -13.37 9.04 -18.84
CA ALA A 53 -14.35 7.98 -18.59
C ALA A 53 -15.73 8.60 -18.36
N PRO A 54 -16.78 7.92 -18.84
CA PRO A 54 -18.16 8.41 -18.68
C PRO A 54 -18.79 8.27 -17.29
N GLY A 55 -18.18 7.50 -16.40
CA GLY A 55 -18.78 7.32 -15.09
C GLY A 55 -18.04 7.75 -13.83
N GLU A 56 -16.75 7.43 -13.74
CA GLU A 56 -15.91 7.76 -12.60
C GLU A 56 -16.07 6.71 -11.50
N THR A 57 -15.03 5.89 -11.34
CA THR A 57 -15.03 4.83 -10.35
C THR A 57 -13.86 5.03 -9.40
N TRP A 58 -14.09 4.79 -8.11
CA TRP A 58 -13.07 4.95 -7.10
C TRP A 58 -12.74 3.66 -6.34
N HIS A 59 -11.48 3.52 -5.94
CA HIS A 59 -11.02 2.37 -5.17
C HIS A 59 -10.67 2.94 -3.79
N MET A 60 -11.36 2.47 -2.75
CA MET A 60 -11.13 2.95 -1.41
C MET A 60 -10.83 1.81 -0.46
N VAL A 61 -10.04 2.10 0.58
CA VAL A 61 -9.67 1.12 1.59
C VAL A 61 -10.10 1.62 2.97
N PHE A 62 -10.74 0.77 3.76
CA PHE A 62 -11.18 1.14 5.09
C PHE A 62 -10.50 0.26 6.13
N SER A 63 -10.21 0.83 7.29
CA SER A 63 -9.59 0.06 8.38
C SER A 63 -10.74 -0.68 9.05
N THR A 64 -10.48 -1.91 9.49
CA THR A 64 -11.53 -2.70 10.15
C THR A 64 -11.01 -3.30 11.45
N GLU A 65 -9.72 -3.08 11.74
CA GLU A 65 -9.09 -3.63 12.94
C GLU A 65 -9.18 -5.14 12.95
N GLY A 66 -9.56 -5.72 11.80
CA GLY A 66 -9.68 -7.16 11.71
C GLY A 66 -10.94 -7.66 12.38
N LYS A 67 -11.86 -6.75 12.68
CA LYS A 67 -13.11 -7.12 13.34
C LYS A 67 -14.20 -7.58 12.39
N ILE A 68 -13.90 -7.58 11.09
CA ILE A 68 -14.87 -8.03 10.09
C ILE A 68 -14.19 -9.12 9.24
N PRO A 69 -14.28 -10.38 9.70
CA PRO A 69 -13.69 -11.56 9.04
C PRO A 69 -14.46 -11.99 7.78
N TYR A 70 -14.40 -11.17 6.75
CA TYR A 70 -15.10 -11.48 5.50
C TYR A 70 -14.28 -12.47 4.67
N ARG A 71 -14.95 -13.11 3.72
CA ARG A 71 -14.29 -14.05 2.82
C ARG A 71 -14.49 -13.55 1.38
N GLU A 72 -13.63 -13.99 0.46
CA GLU A 72 -13.74 -13.57 -0.94
C GLU A 72 -15.16 -13.81 -1.48
N GLY A 73 -15.69 -12.83 -2.20
CA GLY A 73 -17.03 -12.98 -2.76
C GLY A 73 -18.18 -12.36 -1.98
N GLN A 74 -17.94 -12.01 -0.72
CA GLN A 74 -18.99 -11.41 0.10
C GLN A 74 -19.08 -9.90 -0.14
N SER A 75 -20.07 -9.28 0.50
CA SER A 75 -20.30 -7.84 0.40
C SER A 75 -20.43 -7.24 1.80
N ILE A 76 -20.35 -5.92 1.88
CA ILE A 76 -20.55 -5.22 3.15
C ILE A 76 -21.56 -4.14 2.84
N GLY A 77 -22.28 -3.70 3.87
CA GLY A 77 -23.23 -2.63 3.67
C GLY A 77 -22.62 -1.33 4.13
N VAL A 78 -23.05 -0.23 3.52
CA VAL A 78 -22.57 1.08 3.93
C VAL A 78 -23.76 1.98 4.21
N ILE A 79 -23.73 2.65 5.35
CA ILE A 79 -24.78 3.58 5.73
C ILE A 79 -24.16 4.96 5.56
N ALA A 80 -24.58 5.68 4.53
CA ALA A 80 -24.06 7.01 4.27
C ALA A 80 -24.45 7.97 5.38
N ASP A 81 -23.59 8.95 5.68
CA ASP A 81 -23.89 9.94 6.71
C ASP A 81 -25.09 10.77 6.28
N GLY A 82 -25.77 11.37 7.26
CA GLY A 82 -26.92 12.19 6.95
C GLY A 82 -28.22 11.52 7.35
N VAL A 83 -29.32 12.23 7.18
CA VAL A 83 -30.64 11.72 7.51
C VAL A 83 -31.57 12.01 6.35
N ASP A 84 -32.65 11.24 6.25
CA ASP A 84 -33.61 11.45 5.18
C ASP A 84 -34.57 12.55 5.63
N LYS A 85 -35.70 12.67 4.93
CA LYS A 85 -36.69 13.70 5.27
C LYS A 85 -37.30 13.54 6.66
N ASN A 86 -37.52 12.30 7.09
CA ASN A 86 -38.12 12.03 8.39
C ASN A 86 -37.11 11.99 9.52
N GLY A 87 -35.90 12.48 9.28
CA GLY A 87 -34.88 12.48 10.31
C GLY A 87 -34.35 11.08 10.59
N LYS A 88 -34.61 10.15 9.67
CA LYS A 88 -34.14 8.78 9.82
C LYS A 88 -32.86 8.53 9.03
N PRO A 89 -32.05 7.57 9.48
CA PRO A 89 -30.79 7.23 8.79
C PRO A 89 -31.07 6.72 7.38
N HIS A 90 -30.05 6.80 6.52
CA HIS A 90 -30.19 6.32 5.15
C HIS A 90 -30.20 4.79 5.16
N LYS A 91 -30.94 4.20 4.23
CA LYS A 91 -31.02 2.76 4.10
C LYS A 91 -29.65 2.24 3.69
N VAL A 92 -29.36 0.99 4.03
CA VAL A 92 -28.09 0.36 3.69
C VAL A 92 -27.96 0.11 2.19
N ARG A 93 -26.75 0.32 1.67
CA ARG A 93 -26.45 0.03 0.27
C ARG A 93 -25.34 -1.01 0.34
N LEU A 94 -25.47 -2.08 -0.44
CA LEU A 94 -24.48 -3.15 -0.45
C LEU A 94 -23.41 -2.93 -1.51
N TYR A 95 -22.19 -3.34 -1.18
CA TYR A 95 -21.04 -3.20 -2.07
C TYR A 95 -20.16 -4.43 -1.99
N SER A 96 -19.91 -5.07 -3.13
CA SER A 96 -19.07 -6.25 -3.17
C SER A 96 -17.67 -5.88 -2.69
N ILE A 97 -17.09 -6.75 -1.87
CA ILE A 97 -15.73 -6.51 -1.38
C ILE A 97 -14.75 -6.73 -2.53
N ALA A 98 -13.93 -5.73 -2.80
CA ALA A 98 -12.98 -5.80 -3.91
C ALA A 98 -11.58 -6.28 -3.51
N SER A 99 -11.41 -6.55 -2.22
CA SER A 99 -10.12 -7.00 -1.70
C SER A 99 -10.19 -8.47 -1.27
N SER A 100 -9.04 -9.12 -1.19
CA SER A 100 -9.02 -10.51 -0.73
C SER A 100 -9.19 -10.46 0.78
N ALA A 101 -9.35 -11.61 1.41
CA ALA A 101 -9.52 -11.65 2.86
C ALA A 101 -8.32 -11.04 3.58
N ILE A 102 -7.14 -11.19 2.99
CA ILE A 102 -5.91 -10.66 3.57
C ILE A 102 -5.84 -9.15 3.40
N GLY A 103 -6.43 -8.65 2.30
CA GLY A 103 -6.45 -7.22 2.05
C GLY A 103 -5.31 -6.65 1.23
N ASP A 104 -5.52 -5.44 0.71
CA ASP A 104 -4.52 -4.76 -0.11
C ASP A 104 -3.25 -4.44 0.69
N PHE A 105 -3.39 -4.38 2.01
CA PHE A 105 -2.24 -4.09 2.87
C PHE A 105 -1.62 -5.38 3.42
N GLY A 106 -2.21 -6.52 3.05
CA GLY A 106 -1.71 -7.81 3.49
C GLY A 106 -1.67 -8.08 4.99
N ASP A 107 -2.48 -7.36 5.76
CA ASP A 107 -2.47 -7.55 7.20
C ASP A 107 -3.80 -8.02 7.80
N SER A 108 -4.76 -8.38 6.95
CA SER A 108 -6.07 -8.82 7.43
C SER A 108 -6.78 -7.78 8.31
N LYS A 109 -6.45 -6.51 8.14
CA LYS A 109 -7.04 -5.44 8.93
C LYS A 109 -7.76 -4.38 8.10
N THR A 110 -8.02 -4.67 6.83
CA THR A 110 -8.71 -3.70 5.98
C THR A 110 -9.70 -4.34 5.03
N VAL A 111 -10.46 -3.50 4.33
CA VAL A 111 -11.45 -3.95 3.34
C VAL A 111 -11.49 -2.88 2.26
N SER A 112 -11.55 -3.30 1.01
CA SER A 112 -11.57 -2.38 -0.11
C SER A 112 -12.86 -2.44 -0.92
N LEU A 113 -13.27 -1.29 -1.45
CA LEU A 113 -14.47 -1.22 -2.28
C LEU A 113 -14.16 -0.56 -3.62
N CYS A 114 -14.91 -0.95 -4.64
CA CYS A 114 -14.80 -0.40 -5.99
C CYS A 114 -16.16 0.26 -6.21
N VAL A 115 -16.19 1.58 -6.15
CA VAL A 115 -17.44 2.33 -6.26
C VAL A 115 -17.61 3.29 -7.43
N LYS A 116 -18.71 3.14 -8.15
CA LYS A 116 -19.02 4.02 -9.27
C LYS A 116 -19.91 5.16 -8.77
N ARG A 117 -19.52 6.39 -9.06
CA ARG A 117 -20.29 7.54 -8.63
C ARG A 117 -21.56 7.60 -9.48
N LEU A 118 -22.72 7.43 -8.85
CA LEU A 118 -23.96 7.48 -9.61
C LEU A 118 -24.42 8.91 -9.81
N ILE A 119 -24.45 9.32 -11.08
CA ILE A 119 -24.88 10.66 -11.47
C ILE A 119 -25.53 10.60 -12.84
N TYR A 120 -26.66 11.27 -13.00
CA TYR A 120 -27.30 11.27 -14.30
C TYR A 120 -28.22 12.47 -14.45
N THR A 121 -28.57 12.77 -15.70
CA THR A 121 -29.46 13.86 -16.01
C THR A 121 -30.77 13.24 -16.48
N ASN A 122 -31.90 13.68 -15.92
CA ASN A 122 -33.19 13.17 -16.35
C ASN A 122 -33.59 14.01 -17.56
N ASP A 123 -34.76 13.73 -18.15
CA ASP A 123 -35.19 14.49 -19.32
C ASP A 123 -35.73 15.87 -19.01
N ALA A 124 -35.40 16.37 -17.82
CA ALA A 124 -35.80 17.70 -17.38
C ALA A 124 -34.51 18.53 -17.27
N GLY A 125 -33.40 17.90 -17.63
CA GLY A 125 -32.11 18.56 -17.58
C GLY A 125 -31.56 18.70 -16.16
N GLU A 126 -32.22 18.08 -15.19
CA GLU A 126 -31.78 18.16 -13.80
C GLU A 126 -30.80 17.04 -13.43
N ILE A 127 -29.73 17.39 -12.75
CA ILE A 127 -28.74 16.42 -12.35
C ILE A 127 -29.17 15.75 -11.04
N VAL A 128 -29.13 14.43 -11.02
CA VAL A 128 -29.51 13.67 -9.84
C VAL A 128 -28.30 12.85 -9.38
N LYS A 129 -28.06 12.82 -8.07
CA LYS A 129 -26.93 12.08 -7.55
C LYS A 129 -27.31 11.03 -6.52
N GLY A 130 -26.76 9.82 -6.68
CA GLY A 130 -27.03 8.75 -5.74
C GLY A 130 -26.45 9.11 -4.40
N VAL A 131 -27.22 8.86 -3.35
CA VAL A 131 -26.81 9.18 -1.98
C VAL A 131 -25.53 8.51 -1.48
N CYS A 132 -25.54 7.18 -1.45
CA CYS A 132 -24.39 6.45 -0.92
C CYS A 132 -23.16 6.43 -1.81
N SER A 133 -23.31 6.28 -3.12
CA SER A 133 -22.14 6.24 -3.99
C SER A 133 -21.37 7.56 -3.99
N ASN A 134 -22.07 8.68 -3.96
CA ASN A 134 -21.42 9.98 -3.91
C ASN A 134 -20.79 10.22 -2.53
N PHE A 135 -21.42 9.69 -1.49
CA PHE A 135 -20.89 9.81 -0.13
C PHE A 135 -19.54 9.09 -0.06
N LEU A 136 -19.50 7.86 -0.57
CA LEU A 136 -18.29 7.07 -0.56
C LEU A 136 -17.17 7.66 -1.41
N CYS A 137 -17.50 8.09 -2.62
CA CYS A 137 -16.49 8.67 -3.51
C CYS A 137 -15.93 10.01 -3.01
N ASP A 138 -16.67 10.69 -2.14
CA ASP A 138 -16.20 11.96 -1.60
C ASP A 138 -15.42 11.78 -0.31
N LEU A 139 -15.33 10.54 0.19
CA LEU A 139 -14.60 10.30 1.43
C LEU A 139 -13.14 10.71 1.31
N GLN A 140 -12.60 11.29 2.39
CA GLN A 140 -11.20 11.71 2.46
C GLN A 140 -10.53 10.84 3.52
N PRO A 141 -9.23 10.55 3.36
CA PRO A 141 -8.57 9.71 4.37
C PRO A 141 -8.78 10.35 5.75
N GLY A 142 -9.14 9.53 6.73
CA GLY A 142 -9.39 10.03 8.06
C GLY A 142 -10.88 10.06 8.39
N ASP A 143 -11.71 10.11 7.36
CA ASP A 143 -13.17 10.12 7.54
C ASP A 143 -13.68 8.78 8.05
N ASN A 144 -14.75 8.84 8.84
CA ASN A 144 -15.38 7.65 9.40
C ASN A 144 -16.42 7.11 8.43
N VAL A 145 -16.63 5.80 8.47
CA VAL A 145 -17.61 5.16 7.60
C VAL A 145 -18.34 4.09 8.40
N GLN A 146 -19.66 4.07 8.31
CA GLN A 146 -20.49 3.07 9.00
C GLN A 146 -20.67 1.84 8.12
N ILE A 147 -20.18 0.70 8.61
CA ILE A 147 -20.20 -0.57 7.89
C ILE A 147 -21.04 -1.65 8.55
N THR A 148 -21.69 -2.49 7.73
CA THR A 148 -22.50 -3.60 8.22
C THR A 148 -22.16 -4.90 7.46
N GLY A 149 -22.54 -6.04 8.03
CA GLY A 149 -22.26 -7.31 7.39
C GLY A 149 -21.26 -8.16 8.13
N PRO A 150 -20.47 -8.99 7.43
CA PRO A 150 -20.49 -9.15 5.97
C PRO A 150 -21.79 -9.80 5.49
N VAL A 151 -22.04 -9.74 4.18
CA VAL A 151 -23.28 -10.27 3.60
C VAL A 151 -23.06 -11.14 2.36
N GLY A 152 -23.86 -12.20 2.23
CA GLY A 152 -23.80 -13.06 1.05
C GLY A 152 -23.05 -14.37 1.12
N LYS A 153 -23.59 -15.37 0.43
CA LYS A 153 -23.01 -16.71 0.35
C LYS A 153 -22.96 -17.15 -1.11
N GLU A 154 -23.70 -16.46 -1.97
CA GLU A 154 -23.79 -16.77 -3.40
C GLU A 154 -22.47 -16.77 -4.18
N MET A 155 -21.66 -15.75 -3.99
CA MET A 155 -20.42 -15.63 -4.73
C MET A 155 -19.16 -16.19 -4.06
N LEU A 156 -19.32 -17.11 -3.11
CA LEU A 156 -18.18 -17.71 -2.44
C LEU A 156 -17.40 -18.59 -3.44
N MET A 157 -16.09 -18.65 -3.26
CA MET A 157 -15.21 -19.44 -4.15
C MET A 157 -15.40 -20.95 -4.04
N PRO A 158 -15.06 -21.70 -5.10
CA PRO A 158 -15.19 -23.16 -5.09
C PRO A 158 -14.11 -23.75 -4.17
N LYS A 159 -14.40 -24.89 -3.55
CA LYS A 159 -13.41 -25.53 -2.68
C LYS A 159 -12.28 -26.09 -3.53
N ASP A 160 -12.64 -26.59 -4.71
CA ASP A 160 -11.69 -27.21 -5.62
C ASP A 160 -10.56 -26.27 -6.08
N PRO A 161 -9.33 -26.51 -5.58
CA PRO A 161 -8.15 -25.71 -5.92
C PRO A 161 -7.70 -25.87 -7.37
N ASN A 162 -8.26 -26.85 -8.07
CA ASN A 162 -7.90 -27.08 -9.47
C ASN A 162 -9.11 -26.88 -10.38
N ALA A 163 -10.09 -26.12 -9.89
CA ALA A 163 -11.30 -25.85 -10.65
C ALA A 163 -11.06 -24.90 -11.81
N THR A 164 -12.01 -24.89 -12.74
CA THR A 164 -11.97 -23.96 -13.86
C THR A 164 -12.98 -22.91 -13.43
N ILE A 165 -12.51 -21.69 -13.19
CA ILE A 165 -13.39 -20.61 -12.77
C ILE A 165 -13.56 -19.57 -13.86
N ILE A 166 -14.77 -19.47 -14.38
CA ILE A 166 -15.08 -18.50 -15.42
C ILE A 166 -15.79 -17.32 -14.76
N MET A 167 -15.19 -16.15 -14.86
CA MET A 167 -15.73 -14.94 -14.25
C MET A 167 -16.23 -13.96 -15.32
N LEU A 168 -17.53 -13.68 -15.29
CA LEU A 168 -18.15 -12.76 -16.24
C LEU A 168 -18.53 -11.48 -15.49
N ALA A 169 -17.92 -10.38 -15.87
CA ALA A 169 -18.18 -9.11 -15.19
C ALA A 169 -18.41 -7.89 -16.06
N THR A 170 -19.23 -6.97 -15.58
CA THR A 170 -19.47 -5.70 -16.25
C THR A 170 -19.30 -4.61 -15.19
N GLY A 171 -18.59 -3.54 -15.54
CA GLY A 171 -18.37 -2.44 -14.62
C GLY A 171 -17.84 -2.85 -13.25
N THR A 172 -18.44 -2.32 -12.20
CA THR A 172 -18.02 -2.61 -10.84
C THR A 172 -18.21 -4.07 -10.44
N GLY A 173 -18.83 -4.84 -11.31
CA GLY A 173 -19.02 -6.27 -11.04
C GLY A 173 -17.68 -6.98 -10.99
N ILE A 174 -16.61 -6.27 -11.36
CA ILE A 174 -15.26 -6.82 -11.34
C ILE A 174 -14.79 -7.05 -9.90
N ALA A 175 -15.41 -6.32 -8.96
CA ALA A 175 -15.05 -6.35 -7.54
C ALA A 175 -14.81 -7.72 -6.91
N PRO A 176 -15.83 -8.60 -6.88
CA PRO A 176 -15.63 -9.92 -6.29
C PRO A 176 -14.52 -10.74 -6.97
N PHE A 177 -14.31 -10.49 -8.25
CA PHE A 177 -13.29 -11.23 -8.99
C PHE A 177 -11.87 -10.73 -8.68
N ARG A 178 -11.73 -9.45 -8.37
CA ARG A 178 -10.41 -8.93 -8.00
C ARG A 178 -10.07 -9.65 -6.69
N SER A 179 -11.09 -9.86 -5.86
CA SER A 179 -10.92 -10.53 -4.58
C SER A 179 -10.47 -11.98 -4.79
N PHE A 180 -11.12 -12.67 -5.72
CA PHE A 180 -10.78 -14.06 -6.09
C PHE A 180 -9.32 -14.11 -6.57
N LEU A 181 -9.04 -13.33 -7.61
CA LEU A 181 -7.74 -13.29 -8.25
C LEU A 181 -6.56 -12.95 -7.33
N TRP A 182 -6.77 -12.05 -6.37
CA TRP A 182 -5.69 -11.72 -5.44
C TRP A 182 -5.32 -12.97 -4.63
N LYS A 183 -6.32 -13.69 -4.17
CA LYS A 183 -6.08 -14.91 -3.40
C LYS A 183 -5.48 -16.01 -4.27
N MET A 184 -5.93 -16.09 -5.52
CA MET A 184 -5.44 -17.10 -6.45
C MET A 184 -4.00 -16.89 -6.93
N PHE A 185 -3.65 -15.68 -7.33
CA PHE A 185 -2.33 -15.42 -7.87
C PHE A 185 -1.37 -14.47 -7.16
N PHE A 186 -1.87 -13.60 -6.29
CA PHE A 186 -1.00 -12.66 -5.60
C PHE A 186 -0.60 -13.06 -4.19
N GLU A 187 -1.19 -14.13 -3.67
CA GLU A 187 -0.90 -14.52 -2.29
C GLU A 187 -0.46 -15.96 -2.13
N LYS A 188 0.31 -16.21 -1.07
CA LYS A 188 0.78 -17.54 -0.75
C LYS A 188 -0.06 -18.09 0.40
N HIS A 189 -0.78 -19.19 0.13
CA HIS A 189 -1.61 -19.83 1.15
C HIS A 189 -1.14 -21.27 1.22
N ASP A 190 -0.75 -21.72 2.41
CA ASP A 190 -0.29 -23.09 2.58
C ASP A 190 -1.40 -24.12 2.48
N ASP A 191 -2.64 -23.68 2.66
CA ASP A 191 -3.79 -24.59 2.60
C ASP A 191 -4.57 -24.47 1.29
N TYR A 192 -4.18 -23.52 0.45
CA TYR A 192 -4.86 -23.32 -0.82
C TYR A 192 -3.85 -22.91 -1.90
N LYS A 193 -3.62 -23.80 -2.85
CA LYS A 193 -2.67 -23.54 -3.94
C LYS A 193 -3.42 -23.75 -5.24
N PHE A 194 -3.90 -22.65 -5.81
CA PHE A 194 -4.66 -22.71 -7.06
C PHE A 194 -3.82 -23.19 -8.24
N ASN A 195 -4.33 -24.16 -8.98
CA ASN A 195 -3.62 -24.68 -10.15
C ASN A 195 -4.63 -25.07 -11.22
N GLY A 196 -5.78 -24.42 -11.22
CA GLY A 196 -6.79 -24.70 -12.21
C GLY A 196 -6.71 -23.66 -13.30
N LEU A 197 -7.86 -23.27 -13.84
CA LEU A 197 -7.90 -22.25 -14.88
C LEU A 197 -8.82 -21.11 -14.50
N GLY A 198 -8.28 -19.90 -14.49
CA GLY A 198 -9.07 -18.73 -14.17
C GLY A 198 -9.26 -17.94 -15.46
N TRP A 199 -10.49 -17.80 -15.90
CA TRP A 199 -10.78 -17.07 -17.14
C TRP A 199 -11.71 -15.90 -16.88
N LEU A 200 -11.17 -14.69 -17.04
CA LEU A 200 -11.93 -13.49 -16.81
C LEU A 200 -12.37 -12.76 -18.07
N PHE A 201 -13.65 -12.38 -18.10
CA PHE A 201 -14.23 -11.62 -19.20
C PHE A 201 -14.75 -10.33 -18.52
N LEU A 202 -14.20 -9.19 -18.92
CA LEU A 202 -14.62 -7.91 -18.33
C LEU A 202 -15.17 -6.97 -19.40
N GLY A 203 -16.41 -6.54 -19.23
CA GLY A 203 -17.01 -5.65 -20.19
C GLY A 203 -17.24 -4.25 -19.65
N VAL A 204 -16.69 -3.26 -20.35
CA VAL A 204 -16.83 -1.86 -20.00
C VAL A 204 -16.99 -1.03 -21.28
N PRO A 205 -17.51 0.20 -21.18
CA PRO A 205 -17.71 1.03 -22.37
C PRO A 205 -16.44 1.59 -23.03
N THR A 206 -15.50 2.08 -22.24
CA THR A 206 -14.26 2.66 -22.79
C THR A 206 -13.00 2.09 -22.15
N SER A 207 -11.88 2.27 -22.83
CA SER A 207 -10.59 1.81 -22.32
C SER A 207 -10.25 2.53 -21.03
N SER A 208 -10.75 3.76 -20.89
CA SER A 208 -10.49 4.55 -19.69
C SER A 208 -11.34 4.07 -18.51
N SER A 209 -12.15 3.04 -18.75
CA SER A 209 -13.01 2.45 -17.71
C SER A 209 -12.51 1.05 -17.35
N LEU A 210 -11.35 0.68 -17.88
CA LEU A 210 -10.74 -0.63 -17.65
C LEU A 210 -10.16 -0.79 -16.24
N LEU A 211 -11.01 -1.18 -15.31
CA LEU A 211 -10.63 -1.32 -13.90
C LEU A 211 -9.57 -2.37 -13.56
N TYR A 212 -8.54 -1.95 -12.83
CA TYR A 212 -7.46 -2.83 -12.39
C TYR A 212 -6.69 -3.54 -13.51
N LYS A 213 -6.67 -2.94 -14.70
CA LYS A 213 -5.97 -3.54 -15.83
C LYS A 213 -4.51 -3.89 -15.53
N GLU A 214 -3.81 -3.00 -14.86
CA GLU A 214 -2.40 -3.22 -14.51
C GLU A 214 -2.22 -4.43 -13.62
N GLU A 215 -3.19 -4.67 -12.73
CA GLU A 215 -3.11 -5.80 -11.83
C GLU A 215 -3.29 -7.11 -12.57
N PHE A 216 -4.24 -7.16 -13.49
CA PHE A 216 -4.47 -8.40 -14.24
C PHE A 216 -3.29 -8.67 -15.17
N GLY A 217 -2.62 -7.60 -15.60
CA GLY A 217 -1.46 -7.77 -16.46
C GLY A 217 -0.33 -8.48 -15.73
N LYS A 218 -0.12 -8.10 -14.47
CA LYS A 218 0.93 -8.72 -13.66
C LYS A 218 0.56 -10.16 -13.31
N MET A 219 -0.74 -10.42 -13.20
CA MET A 219 -1.20 -11.77 -12.90
C MET A 219 -0.94 -12.69 -14.09
N LYS A 220 -1.23 -12.19 -15.29
CA LYS A 220 -1.02 -12.95 -16.51
C LYS A 220 0.46 -13.23 -16.71
N GLU A 221 1.29 -12.38 -16.13
CA GLU A 221 2.74 -12.49 -16.23
C GLU A 221 3.32 -13.59 -15.33
N ARG A 222 2.76 -13.77 -14.15
CA ARG A 222 3.26 -14.78 -13.22
C ARG A 222 2.52 -16.12 -13.25
N ALA A 223 1.39 -16.17 -13.95
CA ALA A 223 0.62 -17.40 -14.07
C ALA A 223 0.03 -17.47 -15.47
N PRO A 224 0.89 -17.43 -16.50
CA PRO A 224 0.49 -17.47 -17.91
C PRO A 224 -0.36 -18.64 -18.36
N GLU A 225 -0.28 -19.77 -17.67
CA GLU A 225 -1.06 -20.93 -18.07
C GLU A 225 -2.23 -21.27 -17.14
N ASN A 226 -2.47 -20.43 -16.15
CA ASN A 226 -3.56 -20.64 -15.20
C ASN A 226 -4.55 -19.48 -15.26
N PHE A 227 -4.17 -18.43 -15.97
CA PHE A 227 -5.01 -17.24 -16.06
C PHE A 227 -5.15 -16.67 -17.47
N ARG A 228 -6.40 -16.38 -17.87
CA ARG A 228 -6.70 -15.81 -19.18
C ARG A 228 -7.63 -14.63 -18.97
N VAL A 229 -7.42 -13.55 -19.73
CA VAL A 229 -8.27 -12.37 -19.62
C VAL A 229 -8.70 -11.89 -20.99
N ASP A 230 -9.96 -11.46 -21.08
CA ASP A 230 -10.51 -10.95 -22.33
C ASP A 230 -11.35 -9.73 -22.00
N TYR A 231 -11.05 -8.61 -22.64
CA TYR A 231 -11.80 -7.39 -22.41
C TYR A 231 -12.78 -7.13 -23.53
N ALA A 232 -13.86 -6.44 -23.21
CA ALA A 232 -14.87 -6.09 -24.18
C ALA A 232 -15.21 -4.62 -23.97
N VAL A 233 -14.62 -3.76 -24.80
CA VAL A 233 -14.85 -2.31 -24.73
C VAL A 233 -15.86 -2.01 -25.83
N SER A 234 -17.13 -1.85 -25.43
CA SER A 234 -18.22 -1.64 -26.38
C SER A 234 -18.16 -0.44 -27.32
N ARG A 235 -17.62 0.69 -26.86
CA ARG A 235 -17.56 1.87 -27.71
C ARG A 235 -16.31 1.95 -28.58
N GLU A 236 -15.38 1.01 -28.40
CA GLU A 236 -14.14 1.04 -29.16
C GLU A 236 -13.85 -0.19 -30.01
N GLN A 237 -14.45 -1.32 -29.66
CA GLN A 237 -14.21 -2.54 -30.43
C GLN A 237 -15.47 -3.05 -31.12
N THR A 238 -15.27 -3.85 -32.16
CA THR A 238 -16.37 -4.44 -32.92
C THR A 238 -15.85 -5.78 -33.43
N ASN A 239 -16.75 -6.70 -33.73
CA ASN A 239 -16.33 -8.00 -34.26
C ASN A 239 -16.38 -7.92 -35.78
N ALA A 240 -16.05 -9.02 -36.45
CA ALA A 240 -16.04 -9.06 -37.91
C ALA A 240 -17.37 -8.59 -38.50
N ALA A 241 -18.46 -8.88 -37.82
CA ALA A 241 -19.79 -8.51 -38.29
C ALA A 241 -20.10 -7.02 -38.11
N GLY A 242 -19.20 -6.30 -37.46
CA GLY A 242 -19.41 -4.87 -37.23
C GLY A 242 -20.26 -4.55 -36.02
N GLU A 243 -20.46 -5.53 -35.14
CA GLU A 243 -21.25 -5.31 -33.94
C GLU A 243 -20.39 -4.85 -32.77
N ARG A 244 -20.97 -4.02 -31.91
CA ARG A 244 -20.27 -3.51 -30.74
C ARG A 244 -19.81 -4.68 -29.87
N MET A 245 -18.62 -4.56 -29.31
CA MET A 245 -18.06 -5.61 -28.48
C MET A 245 -18.55 -5.61 -27.04
N TYR A 246 -19.72 -6.18 -26.81
CA TYR A 246 -20.27 -6.29 -25.45
C TYR A 246 -19.70 -7.59 -24.91
N ILE A 247 -19.89 -7.85 -23.62
CA ILE A 247 -19.31 -9.07 -23.06
C ILE A 247 -19.76 -10.35 -23.78
N GLN A 248 -21.03 -10.47 -24.12
CA GLN A 248 -21.52 -11.68 -24.81
C GLN A 248 -20.90 -11.80 -26.21
N THR A 249 -20.60 -10.65 -26.81
CA THR A 249 -20.00 -10.61 -28.15
C THR A 249 -18.56 -11.15 -28.10
N ARG A 250 -17.84 -10.84 -27.03
CA ARG A 250 -16.48 -11.33 -26.87
C ARG A 250 -16.50 -12.83 -26.56
N MET A 251 -17.46 -13.23 -25.74
CA MET A 251 -17.62 -14.63 -25.37
C MET A 251 -17.91 -15.48 -26.61
N ALA A 252 -18.67 -14.90 -27.54
CA ALA A 252 -19.04 -15.60 -28.77
C ALA A 252 -17.82 -16.04 -29.58
N GLU A 253 -16.69 -15.34 -29.41
CA GLU A 253 -15.47 -15.71 -30.12
C GLU A 253 -14.91 -17.01 -29.58
N TYR A 254 -15.34 -17.37 -28.37
CA TYR A 254 -14.87 -18.59 -27.74
C TYR A 254 -16.07 -19.47 -27.42
N LYS A 255 -17.15 -19.30 -28.18
CA LYS A 255 -18.36 -20.07 -27.90
C LYS A 255 -18.15 -21.58 -27.87
N GLU A 256 -17.27 -22.09 -28.73
CA GLU A 256 -16.97 -23.52 -28.78
C GLU A 256 -16.30 -23.97 -27.49
N GLU A 257 -15.24 -23.26 -27.11
CA GLU A 257 -14.49 -23.58 -25.89
C GLU A 257 -15.32 -23.47 -24.63
N LEU A 258 -16.07 -22.37 -24.49
CA LEU A 258 -16.90 -22.17 -23.30
C LEU A 258 -17.96 -23.26 -23.19
N TRP A 259 -18.60 -23.62 -24.29
CA TRP A 259 -19.62 -24.65 -24.26
C TRP A 259 -19.04 -25.97 -23.77
N GLU A 260 -17.88 -26.33 -24.30
CA GLU A 260 -17.21 -27.56 -23.90
C GLU A 260 -16.82 -27.53 -22.42
N LEU A 261 -16.37 -26.37 -21.94
CA LEU A 261 -16.00 -26.25 -20.52
C LEU A 261 -17.20 -26.43 -19.60
N LEU A 262 -18.35 -25.90 -19.99
CA LEU A 262 -19.56 -26.01 -19.18
C LEU A 262 -20.01 -27.45 -18.96
N LYS A 263 -19.58 -28.36 -19.83
CA LYS A 263 -19.97 -29.76 -19.69
C LYS A 263 -19.09 -30.50 -18.70
N LYS A 264 -18.06 -29.83 -18.19
CA LYS A 264 -17.16 -30.45 -17.24
C LYS A 264 -17.64 -30.25 -15.80
N ASP A 265 -17.39 -31.23 -14.95
CA ASP A 265 -17.80 -31.20 -13.55
C ASP A 265 -17.06 -30.19 -12.67
N ASN A 266 -15.85 -29.83 -13.07
CA ASN A 266 -15.06 -28.89 -12.27
C ASN A 266 -15.03 -27.47 -12.85
N THR A 267 -16.07 -27.11 -13.59
CA THR A 267 -16.17 -25.78 -14.18
C THR A 267 -17.23 -24.96 -13.43
N TYR A 268 -16.83 -23.79 -12.92
CA TYR A 268 -17.77 -22.94 -12.19
C TYR A 268 -17.85 -21.55 -12.82
N VAL A 269 -19.07 -21.11 -13.07
CA VAL A 269 -19.31 -19.81 -13.67
C VAL A 269 -19.87 -18.81 -12.65
N TYR A 270 -19.25 -17.64 -12.58
CA TYR A 270 -19.68 -16.57 -11.70
C TYR A 270 -19.96 -15.35 -12.57
N MET A 271 -21.07 -14.68 -12.30
CA MET A 271 -21.47 -13.51 -13.07
C MET A 271 -21.80 -12.38 -12.11
N CYS A 272 -21.23 -11.21 -12.34
CA CYS A 272 -21.48 -10.07 -11.47
C CYS A 272 -21.43 -8.78 -12.23
N GLY A 273 -22.34 -7.86 -11.90
CA GLY A 273 -22.36 -6.59 -12.60
C GLY A 273 -23.74 -6.01 -12.80
N LEU A 274 -23.89 -5.29 -13.91
CA LEU A 274 -25.15 -4.64 -14.26
C LEU A 274 -26.25 -5.60 -14.64
N LYS A 275 -27.41 -5.45 -14.00
CA LYS A 275 -28.57 -6.28 -14.28
C LYS A 275 -28.91 -6.13 -15.76
N GLY A 276 -29.09 -7.27 -16.43
CA GLY A 276 -29.42 -7.21 -17.85
C GLY A 276 -28.31 -7.81 -18.67
N MET A 277 -27.14 -7.98 -18.06
CA MET A 277 -26.01 -8.58 -18.76
C MET A 277 -26.29 -10.06 -18.93
N GLU A 278 -27.17 -10.61 -18.08
CA GLU A 278 -27.51 -12.03 -18.13
C GLU A 278 -28.31 -12.40 -19.37
N LYS A 279 -29.12 -11.46 -19.86
CA LYS A 279 -29.94 -11.70 -21.05
C LYS A 279 -29.08 -11.95 -22.26
N GLY A 280 -28.09 -11.08 -22.49
CA GLY A 280 -27.21 -11.23 -23.63
C GLY A 280 -26.43 -12.52 -23.57
N ILE A 281 -26.06 -12.92 -22.36
CA ILE A 281 -25.30 -14.15 -22.17
C ILE A 281 -26.20 -15.36 -22.42
N ASP A 282 -27.46 -15.28 -21.99
CA ASP A 282 -28.40 -16.38 -22.21
C ASP A 282 -28.62 -16.55 -23.72
N ASP A 283 -28.80 -15.43 -24.43
CA ASP A 283 -29.01 -15.48 -25.87
C ASP A 283 -27.96 -16.28 -26.61
N ILE A 284 -26.70 -16.08 -26.26
CA ILE A 284 -25.61 -16.80 -26.91
C ILE A 284 -25.62 -18.27 -26.50
N MET A 285 -26.08 -18.54 -25.29
CA MET A 285 -26.14 -19.91 -24.78
C MET A 285 -27.28 -20.73 -25.37
N VAL A 286 -28.40 -20.07 -25.66
CA VAL A 286 -29.56 -20.76 -26.22
C VAL A 286 -29.23 -21.36 -27.59
N SER A 287 -28.48 -20.63 -28.41
CA SER A 287 -28.12 -21.12 -29.73
C SER A 287 -27.14 -22.29 -29.63
N LEU A 288 -26.24 -22.21 -28.66
CA LEU A 288 -25.25 -23.26 -28.45
C LEU A 288 -25.92 -24.53 -27.92
N ALA A 289 -26.81 -24.34 -26.95
CA ALA A 289 -27.52 -25.46 -26.34
C ALA A 289 -28.29 -26.29 -27.37
N GLU A 290 -28.98 -25.62 -28.29
CA GLU A 290 -29.76 -26.35 -29.29
C GLU A 290 -28.92 -27.01 -30.37
N LYS A 291 -27.59 -26.92 -30.26
CA LYS A 291 -26.71 -27.56 -31.23
C LYS A 291 -26.60 -29.02 -30.81
N ASP A 292 -26.95 -29.29 -29.56
CA ASP A 292 -26.91 -30.65 -29.02
C ASP A 292 -28.30 -31.07 -28.58
N GLY A 293 -29.31 -30.37 -29.11
CA GLY A 293 -30.69 -30.69 -28.76
C GLY A 293 -30.97 -30.47 -27.28
N ILE A 294 -30.31 -29.48 -26.69
CA ILE A 294 -30.48 -29.18 -25.28
C ILE A 294 -31.18 -27.84 -25.07
N ASP A 295 -32.04 -27.80 -24.06
CA ASP A 295 -32.75 -26.58 -23.70
C ASP A 295 -31.87 -25.86 -22.69
N TRP A 296 -31.39 -24.66 -23.04
CA TRP A 296 -30.51 -23.91 -22.16
C TRP A 296 -31.04 -23.70 -20.74
N PHE A 297 -32.26 -23.19 -20.63
CA PHE A 297 -32.84 -22.92 -19.32
C PHE A 297 -32.98 -24.13 -18.42
N ASP A 298 -33.27 -25.28 -19.01
CA ASP A 298 -33.38 -26.50 -18.22
C ASP A 298 -31.95 -26.87 -17.78
N TYR A 299 -30.98 -26.57 -18.64
CA TYR A 299 -29.59 -26.88 -18.36
C TYR A 299 -28.99 -25.93 -17.31
N LYS A 300 -29.32 -24.64 -17.41
CA LYS A 300 -28.82 -23.64 -16.46
C LYS A 300 -29.31 -23.98 -15.04
N LYS A 301 -30.57 -24.42 -14.94
CA LYS A 301 -31.14 -24.80 -13.66
C LYS A 301 -30.33 -25.90 -13.03
N GLN A 302 -29.91 -26.86 -13.85
CA GLN A 302 -29.10 -27.98 -13.39
C GLN A 302 -27.73 -27.49 -12.89
N LEU A 303 -27.12 -26.59 -13.65
CA LEU A 303 -25.83 -26.02 -13.27
C LEU A 303 -25.95 -25.27 -11.94
N LYS A 304 -27.06 -24.56 -11.76
CA LYS A 304 -27.28 -23.82 -10.51
C LYS A 304 -27.32 -24.76 -9.31
N ARG A 305 -28.07 -25.85 -9.42
CA ARG A 305 -28.19 -26.81 -8.34
C ARG A 305 -26.79 -27.30 -7.96
N GLY A 306 -25.93 -27.45 -8.95
CA GLY A 306 -24.57 -27.91 -8.70
C GLY A 306 -23.58 -26.83 -8.32
N ASP A 307 -24.09 -25.62 -8.06
CA ASP A 307 -23.25 -24.49 -7.68
C ASP A 307 -22.25 -24.11 -8.79
N GLN A 308 -22.61 -24.36 -10.03
CA GLN A 308 -21.74 -24.06 -11.16
C GLN A 308 -22.16 -22.80 -11.93
N TRP A 309 -23.25 -22.19 -11.50
CA TRP A 309 -23.74 -20.97 -12.13
C TRP A 309 -24.21 -20.03 -11.03
N ASN A 310 -23.32 -19.12 -10.66
CA ASN A 310 -23.58 -18.17 -9.59
C ASN A 310 -23.73 -16.74 -10.11
N VAL A 311 -24.87 -16.13 -9.81
CA VAL A 311 -25.17 -14.79 -10.29
C VAL A 311 -25.48 -13.75 -9.22
N GLU A 312 -24.92 -12.57 -9.40
CA GLU A 312 -25.13 -11.46 -8.47
C GLU A 312 -25.10 -10.19 -9.32
N VAL A 313 -26.27 -9.81 -9.83
CA VAL A 313 -26.38 -8.61 -10.66
C VAL A 313 -27.26 -7.58 -9.96
N TYR A 314 -27.10 -6.33 -10.34
CA TYR A 314 -27.85 -5.25 -9.70
C TYR A 314 -27.95 -4.04 -10.63
N ALA B 10 28.59 29.65 -5.04
CA ALA B 10 28.46 29.87 -6.51
C ALA B 10 27.26 30.77 -6.82
N PRO B 11 27.52 31.94 -7.43
CA PRO B 11 26.41 32.85 -7.76
C PRO B 11 25.63 32.35 -8.97
N ALA B 12 24.34 32.65 -9.02
CA ALA B 12 23.48 32.23 -10.13
C ALA B 12 23.70 33.13 -11.34
N THR B 13 23.96 32.52 -12.49
CA THR B 13 24.19 33.27 -13.73
C THR B 13 23.55 32.59 -14.93
N ALA B 14 23.37 33.35 -16.02
CA ALA B 14 22.76 32.84 -17.23
C ALA B 14 23.69 31.98 -18.09
N LYS B 15 24.99 32.29 -18.08
CA LYS B 15 25.94 31.53 -18.87
C LYS B 15 27.09 30.98 -18.02
N ALA B 16 26.73 30.11 -17.09
CA ALA B 16 27.67 29.48 -16.17
C ALA B 16 26.83 28.78 -15.11
N LYS B 17 25.85 28.02 -15.58
CA LYS B 17 24.92 27.28 -14.73
C LYS B 17 25.58 26.53 -13.57
N LYS B 18 24.97 26.62 -12.39
CA LYS B 18 25.46 25.98 -11.18
C LYS B 18 25.54 24.45 -11.30
N GLU B 19 25.88 23.80 -10.20
CA GLU B 19 26.00 22.34 -10.18
C GLU B 19 25.93 21.76 -8.76
N SER B 20 25.21 20.64 -8.63
CA SER B 20 25.04 19.94 -7.35
C SER B 20 24.96 18.45 -7.66
N LYS B 21 25.41 17.60 -6.74
CA LYS B 21 25.37 16.17 -7.01
C LYS B 21 24.14 15.49 -6.42
N LYS B 22 23.32 16.26 -5.72
CA LYS B 22 22.10 15.75 -5.11
C LYS B 22 20.88 16.21 -5.91
N GLN B 23 19.78 15.48 -5.76
CA GLN B 23 18.55 15.82 -6.47
C GLN B 23 17.83 17.02 -5.85
N GLU B 24 18.24 18.22 -6.26
CA GLU B 24 17.65 19.46 -5.74
C GLU B 24 16.54 20.05 -6.62
N GLU B 25 16.41 19.54 -7.83
CA GLU B 25 15.39 20.04 -8.75
C GLU B 25 13.96 19.77 -8.26
N GLY B 26 13.20 20.84 -8.07
CA GLY B 26 11.82 20.68 -7.62
C GLY B 26 11.65 20.52 -6.12
N VAL B 27 12.75 20.57 -5.37
CA VAL B 27 12.71 20.44 -3.93
C VAL B 27 12.14 21.72 -3.33
N VAL B 28 11.16 21.58 -2.44
CA VAL B 28 10.57 22.75 -1.78
C VAL B 28 10.82 22.68 -0.29
N THR B 29 10.97 23.84 0.34
CA THR B 29 11.19 23.92 1.78
C THR B 29 10.34 25.04 2.38
N ASN B 30 9.92 24.83 3.62
CA ASN B 30 9.12 25.79 4.37
C ASN B 30 7.84 26.27 3.67
N LEU B 31 7.07 25.33 3.13
CA LEU B 31 5.82 25.67 2.47
C LEU B 31 4.84 26.07 3.57
N TYR B 32 4.89 25.33 4.67
CA TYR B 32 4.04 25.60 5.82
C TYR B 32 4.93 25.99 6.99
N LYS B 33 4.56 27.08 7.66
CA LYS B 33 5.33 27.58 8.79
C LYS B 33 4.52 27.51 10.08
N PRO B 34 5.20 27.64 11.23
CA PRO B 34 4.57 27.58 12.56
C PRO B 34 3.33 28.46 12.72
N LYS B 35 3.35 29.64 12.12
CA LYS B 35 2.23 30.57 12.23
C LYS B 35 0.94 29.96 11.63
N GLU B 36 1.07 29.27 10.51
CA GLU B 36 -0.07 28.65 9.86
C GLU B 36 0.33 27.25 9.38
N PRO B 37 0.39 26.28 10.30
CA PRO B 37 0.76 24.92 9.93
C PRO B 37 -0.31 24.20 9.14
N TYR B 38 0.06 23.09 8.52
CA TYR B 38 -0.89 22.27 7.79
C TYR B 38 -1.45 21.33 8.85
N VAL B 39 -2.77 21.13 8.83
CA VAL B 39 -3.36 20.23 9.81
C VAL B 39 -3.67 18.90 9.17
N GLY B 40 -2.83 17.90 9.46
CA GLY B 40 -3.03 16.57 8.91
C GLY B 40 -3.84 15.73 9.87
N ARG B 41 -4.01 14.45 9.53
CA ARG B 41 -4.77 13.54 10.37
C ARG B 41 -4.04 12.21 10.48
N CYS B 42 -4.05 11.63 11.68
CA CYS B 42 -3.39 10.35 11.88
C CYS B 42 -4.22 9.22 11.28
N LEU B 43 -3.61 8.42 10.42
CA LEU B 43 -4.30 7.29 9.78
C LEU B 43 -3.91 5.99 10.46
N LEU B 44 -2.64 5.90 10.88
CA LEU B 44 -2.13 4.71 11.55
C LEU B 44 -1.03 5.08 12.52
N ASN B 45 -0.90 4.31 13.59
CA ASN B 45 0.15 4.52 14.58
C ASN B 45 0.40 3.15 15.22
N THR B 46 1.57 2.58 14.93
CA THR B 46 1.92 1.26 15.43
C THR B 46 3.28 1.22 16.13
N LYS B 47 3.34 0.53 17.27
CA LYS B 47 4.59 0.37 17.99
C LYS B 47 5.36 -0.68 17.22
N ILE B 48 6.57 -0.33 16.77
CA ILE B 48 7.37 -1.27 15.99
C ILE B 48 8.53 -1.93 16.73
N THR B 49 8.69 -1.61 18.01
CA THR B 49 9.75 -2.22 18.80
C THR B 49 9.14 -3.32 19.65
N GLY B 50 9.96 -4.28 20.08
CA GLY B 50 9.47 -5.35 20.91
C GLY B 50 9.14 -4.83 22.30
N ASP B 51 8.30 -5.55 23.03
CA ASP B 51 7.92 -5.14 24.38
C ASP B 51 9.11 -5.04 25.33
N ASP B 52 10.16 -5.79 25.05
CA ASP B 52 11.35 -5.79 25.89
C ASP B 52 12.35 -4.70 25.51
N ALA B 53 12.05 -3.95 24.45
CA ALA B 53 12.94 -2.89 23.99
C ALA B 53 13.06 -1.81 25.07
N PRO B 54 14.24 -1.21 25.23
CA PRO B 54 14.48 -0.17 26.24
C PRO B 54 13.91 1.22 25.92
N GLY B 55 13.48 1.46 24.69
CA GLY B 55 12.98 2.79 24.36
C GLY B 55 11.53 2.96 23.90
N GLU B 56 11.08 2.12 22.99
CA GLU B 56 9.73 2.18 22.43
C GLU B 56 9.67 3.18 21.28
N THR B 57 9.57 2.64 20.07
CA THR B 57 9.51 3.46 18.86
C THR B 57 8.22 3.16 18.11
N TRP B 58 7.60 4.21 17.57
CA TRP B 58 6.36 4.09 16.84
C TRP B 58 6.44 4.55 15.39
N HIS B 59 5.70 3.87 14.51
CA HIS B 59 5.65 4.23 13.10
C HIS B 59 4.23 4.76 12.88
N MET B 60 4.13 6.01 12.45
CA MET B 60 2.83 6.62 12.24
C MET B 60 2.71 7.22 10.84
N VAL B 61 1.48 7.25 10.34
CA VAL B 61 1.20 7.78 9.01
C VAL B 61 0.18 8.91 9.12
N PHE B 62 0.45 10.03 8.45
CA PHE B 62 -0.48 11.16 8.48
C PHE B 62 -0.97 11.46 7.08
N SER B 63 -2.21 11.90 6.97
CA SER B 63 -2.77 12.27 5.67
C SER B 63 -2.25 13.68 5.38
N THR B 64 -1.96 13.97 4.12
CA THR B 64 -1.47 15.29 3.76
C THR B 64 -2.24 15.84 2.55
N GLU B 65 -3.14 15.03 2.01
CA GLU B 65 -3.94 15.41 0.84
C GLU B 65 -3.01 15.74 -0.33
N GLY B 66 -1.75 15.37 -0.19
CA GLY B 66 -0.78 15.63 -1.22
C GLY B 66 -0.36 17.10 -1.28
N LYS B 67 -0.69 17.84 -0.22
CA LYS B 67 -0.36 19.27 -0.16
C LYS B 67 1.06 19.54 0.33
N ILE B 68 1.79 18.48 0.68
CA ILE B 68 3.16 18.62 1.15
C ILE B 68 4.07 17.74 0.28
N PRO B 69 4.52 18.30 -0.86
CA PRO B 69 5.39 17.62 -1.84
C PRO B 69 6.83 17.46 -1.37
N TYR B 70 7.03 16.62 -0.37
CA TYR B 70 8.37 16.40 0.18
C TYR B 70 9.15 15.42 -0.70
N ARG B 71 10.46 15.41 -0.53
CA ARG B 71 11.31 14.50 -1.27
C ARG B 71 12.08 13.64 -0.26
N GLU B 72 12.56 12.48 -0.70
CA GLU B 72 13.32 11.60 0.18
C GLU B 72 14.46 12.35 0.88
N GLY B 73 14.63 12.11 2.18
CA GLY B 73 15.70 12.77 2.92
C GLY B 73 15.32 14.03 3.68
N GLN B 74 14.16 14.61 3.40
CA GLN B 74 13.74 15.81 4.10
C GLN B 74 13.05 15.50 5.43
N SER B 75 12.70 16.55 6.17
CA SER B 75 12.04 16.42 7.46
C SER B 75 10.82 17.33 7.51
N ILE B 76 9.96 17.10 8.48
CA ILE B 76 8.79 17.94 8.67
C ILE B 76 8.81 18.33 10.15
N GLY B 77 8.17 19.43 10.48
CA GLY B 77 8.13 19.85 11.87
C GLY B 77 6.77 19.48 12.44
N VAL B 78 6.73 19.24 13.74
CA VAL B 78 5.48 18.92 14.41
C VAL B 78 5.31 19.84 15.60
N ILE B 79 4.13 20.43 15.71
CA ILE B 79 3.81 21.31 16.82
C ILE B 79 2.84 20.53 17.69
N ALA B 80 3.31 20.06 18.83
CA ALA B 80 2.48 19.28 19.73
C ALA B 80 1.35 20.13 20.30
N ASP B 81 0.20 19.51 20.54
CA ASP B 81 -0.94 20.22 21.10
C ASP B 81 -0.61 20.71 22.51
N GLY B 82 -1.32 21.74 22.95
CA GLY B 82 -1.09 22.28 24.28
C GLY B 82 -0.36 23.61 24.23
N VAL B 83 -0.15 24.20 25.39
CA VAL B 83 0.54 25.48 25.50
C VAL B 83 1.61 25.36 26.57
N ASP B 84 2.59 26.24 26.53
CA ASP B 84 3.63 26.23 27.55
C ASP B 84 3.13 27.05 28.74
N LYS B 85 4.04 27.43 29.63
CA LYS B 85 3.66 28.21 30.81
C LYS B 85 3.09 29.58 30.48
N ASN B 86 3.64 30.24 29.46
CA ASN B 86 3.19 31.57 29.06
C ASN B 86 1.98 31.54 28.14
N GLY B 87 1.31 30.40 28.04
CA GLY B 87 0.15 30.30 27.17
C GLY B 87 0.53 30.32 25.71
N LYS B 88 1.81 30.09 25.42
CA LYS B 88 2.29 30.07 24.04
C LYS B 88 2.40 28.65 23.50
N PRO B 89 2.29 28.49 22.17
CA PRO B 89 2.37 27.16 21.55
C PRO B 89 3.74 26.54 21.78
N HIS B 90 3.81 25.22 21.65
CA HIS B 90 5.07 24.52 21.83
C HIS B 90 5.96 24.78 20.63
N LYS B 91 7.27 24.83 20.86
CA LYS B 91 8.24 25.05 19.79
C LYS B 91 8.18 23.84 18.85
N VAL B 92 8.57 24.05 17.59
CA VAL B 92 8.58 22.99 16.60
C VAL B 92 9.68 21.97 16.88
N ARG B 93 9.36 20.70 16.65
CA ARG B 93 10.34 19.61 16.77
C ARG B 93 10.39 19.00 15.37
N LEU B 94 11.60 18.78 14.87
CA LEU B 94 11.79 18.21 13.55
C LEU B 94 11.90 16.69 13.57
N TYR B 95 11.34 16.06 12.54
CA TYR B 95 11.35 14.61 12.41
C TYR B 95 11.62 14.21 10.97
N SER B 96 12.64 13.39 10.76
CA SER B 96 12.98 12.92 9.43
C SER B 96 11.81 12.14 8.85
N ILE B 97 11.49 12.38 7.59
CA ILE B 97 10.40 11.65 6.95
C ILE B 97 10.87 10.21 6.72
N ALA B 98 10.10 9.25 7.21
CA ALA B 98 10.45 7.84 7.10
C ALA B 98 9.83 7.13 5.89
N SER B 99 9.04 7.87 5.12
CA SER B 99 8.38 7.31 3.94
C SER B 99 8.97 7.88 2.66
N SER B 100 8.77 7.18 1.55
CA SER B 100 9.26 7.68 0.27
C SER B 100 8.29 8.78 -0.15
N ALA B 101 8.61 9.50 -1.21
CA ALA B 101 7.75 10.56 -1.71
C ALA B 101 6.35 10.03 -2.05
N ILE B 102 6.30 8.79 -2.55
CA ILE B 102 5.04 8.15 -2.92
C ILE B 102 4.25 7.74 -1.68
N GLY B 103 4.96 7.40 -0.62
CA GLY B 103 4.31 7.02 0.63
C GLY B 103 4.01 5.55 0.82
N ASP B 104 3.76 5.17 2.08
CA ASP B 104 3.45 3.79 2.44
C ASP B 104 2.16 3.30 1.79
N PHE B 105 1.29 4.24 1.42
CA PHE B 105 0.03 3.89 0.79
C PHE B 105 0.11 3.97 -0.74
N GLY B 106 1.27 4.37 -1.24
CA GLY B 106 1.49 4.48 -2.67
C GLY B 106 0.64 5.46 -3.43
N ASP B 107 0.07 6.46 -2.75
CA ASP B 107 -0.79 7.43 -3.42
C ASP B 107 -0.32 8.87 -3.37
N SER B 108 0.89 9.10 -2.88
CA SER B 108 1.44 10.46 -2.78
C SER B 108 0.56 11.39 -1.93
N LYS B 109 -0.21 10.82 -1.01
CA LYS B 109 -1.11 11.61 -0.15
C LYS B 109 -0.83 11.44 1.34
N THR B 110 0.32 10.88 1.70
CA THR B 110 0.63 10.67 3.12
C THR B 110 2.10 10.92 3.44
N VAL B 111 2.41 10.90 4.73
CA VAL B 111 3.78 11.06 5.20
C VAL B 111 3.92 10.23 6.47
N SER B 112 5.04 9.53 6.60
CA SER B 112 5.26 8.67 7.76
C SER B 112 6.43 9.13 8.62
N LEU B 113 6.30 8.91 9.93
CA LEU B 113 7.35 9.26 10.88
C LEU B 113 7.74 8.05 11.73
N CYS B 114 8.99 8.03 12.16
CA CYS B 114 9.54 6.98 13.01
C CYS B 114 9.91 7.74 14.29
N VAL B 115 9.09 7.58 15.32
CA VAL B 115 9.28 8.32 16.58
C VAL B 115 9.60 7.53 17.85
N LYS B 116 10.70 7.90 18.51
CA LYS B 116 11.09 7.27 19.77
C LYS B 116 10.48 8.07 20.93
N ARG B 117 9.77 7.38 21.81
CA ARG B 117 9.16 8.04 22.95
C ARG B 117 10.28 8.44 23.93
N LEU B 118 10.48 9.73 24.13
CA LEU B 118 11.53 10.17 25.04
C LEU B 118 11.05 10.15 26.49
N ILE B 119 11.68 9.30 27.30
CA ILE B 119 11.35 9.15 28.70
C ILE B 119 12.66 8.87 29.45
N TYR B 120 12.99 9.76 30.39
CA TYR B 120 14.21 9.65 31.21
C TYR B 120 13.96 10.10 32.65
N THR B 121 14.99 9.99 33.49
CA THR B 121 14.88 10.38 34.90
C THR B 121 15.77 11.59 35.21
N ASN B 122 15.28 12.50 36.04
CA ASN B 122 16.09 13.66 36.41
C ASN B 122 16.90 13.34 37.66
N ASP B 123 17.75 14.28 38.09
CA ASP B 123 18.61 14.09 39.26
C ASP B 123 17.87 13.74 40.55
N ALA B 124 16.59 14.07 40.63
CA ALA B 124 15.80 13.78 41.81
C ALA B 124 15.25 12.35 41.74
N GLY B 125 15.31 11.77 40.54
CA GLY B 125 14.81 10.42 40.36
C GLY B 125 13.38 10.38 39.85
N GLU B 126 12.89 11.53 39.40
CA GLU B 126 11.53 11.62 38.88
C GLU B 126 11.53 11.39 37.37
N ILE B 127 10.47 10.77 36.88
CA ILE B 127 10.33 10.48 35.46
C ILE B 127 10.03 11.75 34.68
N VAL B 128 10.77 11.97 33.61
CA VAL B 128 10.58 13.14 32.76
C VAL B 128 10.20 12.66 31.35
N LYS B 129 9.23 13.33 30.74
CA LYS B 129 8.79 12.95 29.42
C LYS B 129 8.88 14.07 28.39
N GLY B 130 9.46 13.76 27.24
CA GLY B 130 9.57 14.76 26.19
C GLY B 130 8.20 15.12 25.70
N VAL B 131 7.97 16.41 25.50
CA VAL B 131 6.69 16.92 25.05
C VAL B 131 6.17 16.40 23.70
N CYS B 132 6.91 16.66 22.64
CA CYS B 132 6.46 16.26 21.31
C CYS B 132 6.51 14.77 21.00
N SER B 133 7.56 14.07 21.42
CA SER B 133 7.64 12.64 21.14
C SER B 133 6.52 11.85 21.81
N ASN B 134 6.15 12.22 23.04
CA ASN B 134 5.07 11.53 23.73
C ASN B 134 3.72 11.90 23.12
N PHE B 135 3.60 13.13 22.64
CA PHE B 135 2.37 13.58 21.99
C PHE B 135 2.15 12.75 20.72
N LEU B 136 3.19 12.57 19.92
CA LEU B 136 3.10 11.82 18.68
C LEU B 136 2.82 10.33 18.92
N CYS B 137 3.54 9.73 19.86
CA CYS B 137 3.34 8.31 20.15
C CYS B 137 1.97 7.99 20.76
N ASP B 138 1.33 9.00 21.34
CA ASP B 138 0.01 8.79 21.94
C ASP B 138 -1.12 9.07 20.96
N LEU B 139 -0.78 9.53 19.76
CA LEU B 139 -1.81 9.82 18.75
C LEU B 139 -2.63 8.58 18.41
N GLN B 140 -3.93 8.80 18.21
CA GLN B 140 -4.86 7.73 17.85
C GLN B 140 -5.37 8.06 16.43
N PRO B 141 -5.70 7.03 15.64
CA PRO B 141 -6.19 7.31 14.29
C PRO B 141 -7.39 8.26 14.40
N GLY B 142 -7.40 9.30 13.56
CA GLY B 142 -8.48 10.27 13.61
C GLY B 142 -8.04 11.57 14.23
N ASP B 143 -6.99 11.53 15.07
CA ASP B 143 -6.47 12.73 15.71
C ASP B 143 -5.80 13.67 14.72
N ASN B 144 -5.89 14.96 15.00
CA ASN B 144 -5.29 15.99 14.16
C ASN B 144 -3.84 16.25 14.58
N VAL B 145 -3.00 16.64 13.62
CA VAL B 145 -1.60 16.91 13.90
C VAL B 145 -1.21 18.16 13.11
N GLN B 146 -0.50 19.07 13.77
CA GLN B 146 -0.02 20.29 13.14
C GLN B 146 1.36 20.06 12.55
N ILE B 147 1.46 20.21 11.24
CA ILE B 147 2.71 19.97 10.51
C ILE B 147 3.29 21.21 9.82
N THR B 148 4.62 21.30 9.76
CA THR B 148 5.30 22.40 9.09
C THR B 148 6.42 21.87 8.17
N GLY B 149 6.86 22.70 7.24
CA GLY B 149 7.92 22.29 6.33
C GLY B 149 7.45 22.15 4.88
N PRO B 150 8.05 21.24 4.10
CA PRO B 150 9.13 20.35 4.51
C PRO B 150 10.43 21.11 4.81
N VAL B 151 11.39 20.45 5.45
CA VAL B 151 12.66 21.08 5.83
C VAL B 151 13.90 20.27 5.49
N GLY B 152 14.97 20.97 5.10
CA GLY B 152 16.24 20.30 4.80
C GLY B 152 16.61 20.00 3.35
N LYS B 153 17.91 20.12 3.07
CA LYS B 153 18.47 19.85 1.75
C LYS B 153 19.70 18.93 1.90
N GLU B 154 20.22 18.85 3.12
CA GLU B 154 21.41 18.05 3.44
C GLU B 154 21.34 16.56 3.07
N MET B 155 20.24 15.89 3.43
CA MET B 155 20.09 14.47 3.18
C MET B 155 19.40 14.06 1.88
N LEU B 156 19.37 14.95 0.88
CA LEU B 156 18.75 14.63 -0.38
C LEU B 156 19.57 13.55 -1.10
N MET B 157 18.90 12.68 -1.87
CA MET B 157 19.57 11.59 -2.59
C MET B 157 20.45 12.05 -3.73
N PRO B 158 21.45 11.23 -4.13
CA PRO B 158 22.35 11.58 -5.24
C PRO B 158 21.59 11.48 -6.55
N LYS B 159 21.96 12.28 -7.54
CA LYS B 159 21.29 12.21 -8.85
C LYS B 159 21.69 10.90 -9.54
N ASP B 160 22.94 10.50 -9.33
CA ASP B 160 23.49 9.30 -9.96
C ASP B 160 22.73 8.01 -9.60
N PRO B 161 21.99 7.44 -10.57
CA PRO B 161 21.22 6.21 -10.39
C PRO B 161 22.08 4.96 -10.21
N ASN B 162 23.38 5.10 -10.47
CA ASN B 162 24.30 3.98 -10.33
C ASN B 162 25.34 4.27 -9.26
N ALA B 163 25.00 5.18 -8.34
CA ALA B 163 25.91 5.55 -7.27
C ALA B 163 26.03 4.46 -6.20
N THR B 164 27.08 4.58 -5.39
CA THR B 164 27.29 3.68 -4.28
C THR B 164 26.85 4.53 -3.10
N ILE B 165 25.77 4.11 -2.44
CA ILE B 165 25.24 4.87 -1.31
C ILE B 165 25.43 4.12 0.00
N ILE B 166 26.28 4.68 0.85
CA ILE B 166 26.56 4.08 2.15
C ILE B 166 25.76 4.85 3.19
N MET B 167 24.88 4.13 3.88
CA MET B 167 24.01 4.73 4.88
C MET B 167 24.37 4.25 6.29
N LEU B 168 24.79 5.19 7.14
CA LEU B 168 25.16 4.89 8.51
C LEU B 168 24.09 5.44 9.44
N ALA B 169 23.42 4.55 10.17
CA ALA B 169 22.34 4.98 11.05
C ALA B 169 22.32 4.38 12.44
N THR B 170 21.83 5.16 13.39
CA THR B 170 21.65 4.69 14.77
C THR B 170 20.23 5.08 15.16
N GLY B 171 19.52 4.15 15.81
CA GLY B 171 18.16 4.42 16.25
C GLY B 171 17.24 4.95 15.17
N THR B 172 16.50 6.00 15.51
CA THR B 172 15.56 6.61 14.57
C THR B 172 16.22 7.25 13.36
N GLY B 173 17.55 7.25 13.36
CA GLY B 173 18.29 7.81 12.23
C GLY B 173 18.06 6.96 10.99
N ILE B 174 17.40 5.81 11.18
CA ILE B 174 17.10 4.90 10.07
C ILE B 174 16.05 5.52 9.14
N ALA B 175 15.27 6.46 9.68
CA ALA B 175 14.17 7.13 8.97
C ALA B 175 14.43 7.57 7.53
N PRO B 176 15.39 8.49 7.33
CA PRO B 176 15.66 8.95 5.96
C PRO B 176 16.11 7.83 5.02
N PHE B 177 16.72 6.79 5.57
CA PHE B 177 17.18 5.69 4.74
C PHE B 177 16.05 4.75 4.34
N ARG B 178 15.01 4.63 5.18
CA ARG B 178 13.86 3.81 4.82
C ARG B 178 13.24 4.51 3.61
N SER B 179 13.27 5.84 3.65
CA SER B 179 12.72 6.65 2.56
C SER B 179 13.51 6.39 1.27
N PHE B 180 14.83 6.40 1.37
CA PHE B 180 15.74 6.14 0.24
C PHE B 180 15.44 4.76 -0.34
N LEU B 181 15.55 3.75 0.53
CA LEU B 181 15.37 2.37 0.16
C LEU B 181 14.02 2.01 -0.48
N TRP B 182 12.95 2.65 -0.03
CA TRP B 182 11.65 2.37 -0.61
C TRP B 182 11.65 2.82 -2.07
N LYS B 183 12.22 3.98 -2.33
CA LYS B 183 12.29 4.52 -3.69
C LYS B 183 13.25 3.69 -4.56
N MET B 184 14.33 3.22 -3.95
CA MET B 184 15.33 2.42 -4.66
C MET B 184 14.89 1.02 -5.02
N PHE B 185 14.28 0.30 -4.07
CA PHE B 185 13.90 -1.09 -4.31
C PHE B 185 12.43 -1.51 -4.29
N PHE B 186 11.57 -0.71 -3.68
CA PHE B 186 10.16 -1.08 -3.60
C PHE B 186 9.26 -0.39 -4.62
N GLU B 187 9.80 0.56 -5.38
CA GLU B 187 8.97 1.29 -6.32
C GLU B 187 9.50 1.32 -7.74
N LYS B 188 8.58 1.47 -8.69
CA LYS B 188 8.93 1.53 -10.09
C LYS B 188 8.85 3.00 -10.53
N HIS B 189 9.98 3.54 -10.98
CA HIS B 189 10.05 4.91 -11.44
C HIS B 189 10.62 4.85 -12.85
N ASP B 190 9.91 5.41 -13.81
CA ASP B 190 10.38 5.39 -15.19
C ASP B 190 11.56 6.34 -15.44
N ASP B 191 11.75 7.31 -14.55
CA ASP B 191 12.83 8.26 -14.70
C ASP B 191 14.01 7.97 -13.76
N TYR B 192 13.85 6.99 -12.88
CA TYR B 192 14.90 6.64 -11.94
C TYR B 192 14.91 5.13 -11.73
N LYS B 193 15.99 4.49 -12.17
CA LYS B 193 16.14 3.05 -12.04
C LYS B 193 17.48 2.79 -11.36
N PHE B 194 17.44 2.60 -10.04
CA PHE B 194 18.65 2.38 -9.28
C PHE B 194 19.35 1.07 -9.64
N ASN B 195 20.64 1.14 -9.91
CA ASN B 195 21.41 -0.06 -10.25
C ASN B 195 22.82 0.06 -9.68
N GLY B 196 22.95 0.84 -8.61
CA GLY B 196 24.25 1.01 -7.98
C GLY B 196 24.34 0.07 -6.80
N LEU B 197 25.01 0.50 -5.73
CA LEU B 197 25.13 -0.32 -4.53
C LEU B 197 24.62 0.43 -3.31
N GLY B 198 23.65 -0.17 -2.63
CA GLY B 198 23.11 0.43 -1.41
C GLY B 198 23.62 -0.38 -0.24
N TRP B 199 24.40 0.24 0.64
CA TRP B 199 24.94 -0.46 1.79
C TRP B 199 24.50 0.19 3.10
N LEU B 200 23.66 -0.53 3.84
CA LEU B 200 23.15 -0.01 5.10
C LEU B 200 23.79 -0.61 6.34
N PHE B 201 24.18 0.27 7.27
CA PHE B 201 24.73 -0.13 8.56
C PHE B 201 23.76 0.47 9.59
N LEU B 202 23.09 -0.38 10.37
CA LEU B 202 22.16 0.09 11.38
C LEU B 202 22.58 -0.33 12.78
N GLY B 203 22.78 0.63 13.66
CA GLY B 203 23.19 0.33 15.02
C GLY B 203 22.11 0.59 16.05
N VAL B 204 21.76 -0.43 16.83
CA VAL B 204 20.75 -0.32 17.88
C VAL B 204 21.21 -1.16 19.08
N PRO B 205 20.66 -0.91 20.27
CA PRO B 205 21.05 -1.67 21.47
C PRO B 205 20.61 -3.14 21.54
N THR B 206 19.36 -3.40 21.18
CA THR B 206 18.83 -4.77 21.24
C THR B 206 18.15 -5.22 19.95
N SER B 207 17.99 -6.53 19.80
CA SER B 207 17.34 -7.08 18.61
C SER B 207 15.90 -6.62 18.55
N SER B 208 15.31 -6.35 19.71
CA SER B 208 13.93 -5.90 19.78
C SER B 208 13.81 -4.43 19.39
N SER B 209 14.94 -3.82 19.03
CA SER B 209 14.97 -2.40 18.62
C SER B 209 15.31 -2.31 17.13
N LEU B 210 15.36 -3.46 16.46
CA LEU B 210 15.70 -3.55 15.04
C LEU B 210 14.58 -3.06 14.13
N LEU B 211 14.54 -1.75 13.92
CA LEU B 211 13.51 -1.10 13.10
C LEU B 211 13.42 -1.50 11.63
N TYR B 212 12.22 -1.88 11.20
CA TYR B 212 11.95 -2.25 9.79
C TYR B 212 12.75 -3.43 9.27
N LYS B 213 13.20 -4.31 10.16
CA LYS B 213 14.00 -5.46 9.76
C LYS B 213 13.34 -6.30 8.66
N GLU B 214 12.04 -6.54 8.79
CA GLU B 214 11.30 -7.33 7.80
C GLU B 214 11.34 -6.68 6.43
N GLU B 215 11.31 -5.35 6.40
CA GLU B 215 11.32 -4.63 5.15
C GLU B 215 12.65 -4.77 4.45
N PHE B 216 13.75 -4.64 5.20
CA PHE B 216 15.07 -4.75 4.60
C PHE B 216 15.32 -6.18 4.14
N GLY B 217 14.69 -7.15 4.80
CA GLY B 217 14.84 -8.53 4.42
C GLY B 217 14.24 -8.79 3.05
N LYS B 218 13.07 -8.21 2.79
CA LYS B 218 12.42 -8.36 1.50
C LYS B 218 13.19 -7.63 0.42
N MET B 219 13.86 -6.55 0.80
CA MET B 219 14.66 -5.78 -0.16
C MET B 219 15.87 -6.59 -0.59
N LYS B 220 16.52 -7.22 0.38
CA LYS B 220 17.70 -8.03 0.10
C LYS B 220 17.33 -9.22 -0.78
N GLU B 221 16.05 -9.61 -0.69
CA GLU B 221 15.53 -10.74 -1.46
C GLU B 221 15.31 -10.42 -2.94
N ARG B 222 14.87 -9.19 -3.24
CA ARG B 222 14.61 -8.82 -4.62
C ARG B 222 15.74 -8.06 -5.31
N ALA B 223 16.76 -7.67 -4.55
CA ALA B 223 17.90 -6.95 -5.13
C ALA B 223 19.15 -7.40 -4.38
N PRO B 224 19.43 -8.72 -4.39
CA PRO B 224 20.58 -9.32 -3.72
C PRO B 224 21.96 -8.79 -4.08
N GLU B 225 22.11 -8.22 -5.27
CA GLU B 225 23.41 -7.69 -5.68
C GLU B 225 23.52 -6.18 -5.70
N ASN B 226 22.46 -5.50 -5.27
CA ASN B 226 22.45 -4.04 -5.25
C ASN B 226 22.26 -3.53 -3.82
N PHE B 227 21.95 -4.44 -2.91
CA PHE B 227 21.70 -4.08 -1.53
C PHE B 227 22.39 -4.96 -0.50
N ARG B 228 23.05 -4.33 0.47
CA ARG B 228 23.75 -5.04 1.55
C ARG B 228 23.34 -4.41 2.88
N VAL B 229 23.11 -5.24 3.91
CA VAL B 229 22.73 -4.73 5.22
C VAL B 229 23.58 -5.35 6.31
N ASP B 230 23.97 -4.55 7.29
CA ASP B 230 24.76 -5.04 8.41
C ASP B 230 24.21 -4.40 9.67
N TYR B 231 23.85 -5.23 10.65
CA TYR B 231 23.32 -4.73 11.91
C TYR B 231 24.37 -4.77 12.99
N ALA B 232 24.23 -3.85 13.95
CA ALA B 232 25.14 -3.78 15.06
C ALA B 232 24.29 -3.64 16.33
N VAL B 233 24.09 -4.75 17.03
CA VAL B 233 23.31 -4.77 18.25
C VAL B 233 24.35 -4.77 19.38
N SER B 234 24.56 -3.60 19.98
CA SER B 234 25.57 -3.44 21.03
C SER B 234 25.47 -4.30 22.29
N ARG B 235 24.26 -4.57 22.77
CA ARG B 235 24.11 -5.36 23.99
C ARG B 235 24.08 -6.87 23.76
N GLU B 236 24.10 -7.29 22.49
CA GLU B 236 24.02 -8.71 22.18
C GLU B 236 25.18 -9.27 21.37
N GLN B 237 25.88 -8.41 20.64
CA GLN B 237 26.99 -8.89 19.82
C GLN B 237 28.33 -8.32 20.29
N THR B 238 29.40 -8.99 19.90
CA THR B 238 30.76 -8.56 20.25
C THR B 238 31.66 -9.08 19.13
N ASN B 239 32.81 -8.45 18.94
CA ASN B 239 33.72 -8.89 17.90
C ASN B 239 34.73 -9.84 18.54
N ALA B 240 35.67 -10.33 17.73
CA ALA B 240 36.68 -11.27 18.22
C ALA B 240 37.41 -10.74 19.45
N ALA B 241 37.61 -9.43 19.51
CA ALA B 241 38.31 -8.80 20.62
C ALA B 241 37.46 -8.70 21.89
N GLY B 242 36.18 -9.06 21.79
CA GLY B 242 35.31 -8.99 22.94
C GLY B 242 34.69 -7.62 23.18
N GLU B 243 34.74 -6.76 22.17
CA GLU B 243 34.17 -5.43 22.30
C GLU B 243 32.72 -5.39 21.82
N ARG B 244 31.91 -4.56 22.47
CA ARG B 244 30.51 -4.41 22.11
C ARG B 244 30.41 -4.01 20.65
N MET B 245 29.40 -4.54 19.96
CA MET B 245 29.22 -4.25 18.54
C MET B 245 28.46 -2.96 18.25
N TYR B 246 29.18 -1.83 18.31
CA TYR B 246 28.57 -0.54 18.00
C TYR B 246 28.71 -0.40 16.50
N ILE B 247 28.07 0.61 15.91
CA ILE B 247 28.15 0.76 14.46
C ILE B 247 29.57 0.83 13.92
N GLN B 248 30.45 1.58 14.59
CA GLN B 248 31.85 1.69 14.10
C GLN B 248 32.57 0.35 14.20
N THR B 249 32.18 -0.45 15.18
CA THR B 249 32.77 -1.76 15.40
C THR B 249 32.41 -2.70 14.25
N ARG B 250 31.18 -2.61 13.77
CA ARG B 250 30.75 -3.46 12.66
C ARG B 250 31.42 -2.99 11.37
N MET B 251 31.54 -1.67 11.22
CA MET B 251 32.18 -1.08 10.04
C MET B 251 33.63 -1.53 9.95
N ALA B 252 34.27 -1.65 11.11
CA ALA B 252 35.68 -2.05 11.18
C ALA B 252 35.92 -3.40 10.52
N GLU B 253 34.90 -4.25 10.47
CA GLU B 253 35.04 -5.56 9.85
C GLU B 253 35.18 -5.42 8.35
N TYR B 254 34.84 -4.23 7.83
CA TYR B 254 34.92 -3.95 6.41
C TYR B 254 35.89 -2.81 6.20
N LYS B 255 36.89 -2.75 7.08
CA LYS B 255 37.93 -1.73 7.02
C LYS B 255 38.54 -1.80 5.63
N GLU B 256 38.14 -2.82 4.87
CA GLU B 256 38.62 -3.05 3.51
C GLU B 256 37.76 -2.34 2.46
N GLU B 257 36.73 -3.04 1.98
CA GLU B 257 35.83 -2.48 0.95
C GLU B 257 35.50 -1.02 1.18
N LEU B 258 35.10 -0.69 2.41
CA LEU B 258 34.73 0.67 2.73
C LEU B 258 35.65 1.74 2.16
N TRP B 259 36.90 1.38 1.85
CA TRP B 259 37.80 2.38 1.30
C TRP B 259 37.97 2.18 -0.20
N GLU B 260 37.88 0.94 -0.64
CA GLU B 260 38.00 0.64 -2.06
C GLU B 260 36.82 1.33 -2.74
N LEU B 261 35.84 1.72 -1.92
CA LEU B 261 34.64 2.40 -2.39
C LEU B 261 34.72 3.88 -2.03
N LEU B 262 35.22 4.17 -0.83
CA LEU B 262 35.33 5.55 -0.36
C LEU B 262 36.31 6.39 -1.16
N LYS B 263 37.10 5.74 -2.01
CA LYS B 263 38.08 6.44 -2.84
C LYS B 263 37.44 6.87 -4.16
N LYS B 264 36.46 6.09 -4.62
CA LYS B 264 35.79 6.37 -5.87
C LYS B 264 35.00 7.68 -5.87
N ASP B 265 34.66 8.15 -7.06
CA ASP B 265 33.95 9.41 -7.24
C ASP B 265 32.43 9.31 -7.10
N ASN B 266 31.89 8.12 -7.34
CA ASN B 266 30.44 7.93 -7.25
C ASN B 266 29.99 7.26 -5.95
N THR B 267 30.78 7.45 -4.88
CA THR B 267 30.44 6.89 -3.57
C THR B 267 29.96 8.02 -2.66
N TYR B 268 28.75 7.87 -2.11
CA TYR B 268 28.19 8.89 -1.24
C TYR B 268 27.84 8.32 0.13
N VAL B 269 28.32 8.99 1.17
CA VAL B 269 28.06 8.57 2.53
C VAL B 269 27.07 9.49 3.23
N TYR B 270 26.05 8.86 3.83
CA TYR B 270 25.01 9.59 4.58
C TYR B 270 25.01 9.03 6.01
N MET B 271 24.96 9.93 6.98
CA MET B 271 24.96 9.53 8.38
C MET B 271 23.82 10.22 9.10
N CYS B 272 23.02 9.45 9.84
CA CYS B 272 21.90 10.02 10.56
C CYS B 272 21.65 9.27 11.86
N GLY B 273 21.29 10.01 12.89
CA GLY B 273 21.04 9.37 14.16
C GLY B 273 21.46 10.17 15.37
N LEU B 274 21.88 9.44 16.40
CA LEU B 274 22.28 10.04 17.66
C LEU B 274 23.60 10.80 17.57
N LYS B 275 23.59 12.04 18.04
CA LYS B 275 24.79 12.87 18.04
C LYS B 275 25.86 12.17 18.86
N GLY B 276 27.06 12.06 18.28
CA GLY B 276 28.15 11.39 18.97
C GLY B 276 28.55 10.13 18.23
N MET B 277 27.69 9.67 17.33
CA MET B 277 28.00 8.47 16.56
C MET B 277 29.11 8.80 15.57
N GLU B 278 29.26 10.08 15.26
CA GLU B 278 30.28 10.53 14.31
C GLU B 278 31.70 10.39 14.87
N LYS B 279 31.84 10.54 16.18
CA LYS B 279 33.15 10.42 16.82
C LYS B 279 33.72 9.02 16.63
N GLY B 280 32.91 8.01 16.93
CA GLY B 280 33.38 6.64 16.79
C GLY B 280 33.74 6.31 15.36
N ILE B 281 32.99 6.88 14.43
CA ILE B 281 33.24 6.63 13.01
C ILE B 281 34.51 7.36 12.57
N ASP B 282 34.75 8.54 13.10
CA ASP B 282 35.97 9.28 12.75
C ASP B 282 37.18 8.51 13.27
N ASP B 283 37.09 8.01 14.50
CA ASP B 283 38.19 7.25 15.09
C ASP B 283 38.68 6.11 14.21
N ILE B 284 37.75 5.36 13.64
CA ILE B 284 38.10 4.25 12.77
C ILE B 284 38.69 4.77 11.45
N MET B 285 38.25 5.95 11.03
CA MET B 285 38.72 6.52 9.78
C MET B 285 40.12 7.13 9.90
N VAL B 286 40.44 7.68 11.06
CA VAL B 286 41.75 8.29 11.29
C VAL B 286 42.87 7.27 11.15
N SER B 287 42.64 6.06 11.65
CA SER B 287 43.67 5.02 11.57
C SER B 287 43.89 4.63 10.11
N LEU B 288 42.87 4.79 9.27
CA LEU B 288 43.03 4.46 7.86
C LEU B 288 43.69 5.60 7.10
N ALA B 289 43.32 6.83 7.44
CA ALA B 289 43.86 8.01 6.79
C ALA B 289 45.39 8.08 6.89
N GLU B 290 45.90 8.05 8.11
CA GLU B 290 47.35 8.11 8.35
C GLU B 290 48.14 7.05 7.56
N LYS B 291 47.45 5.98 7.17
CA LYS B 291 48.10 4.91 6.42
C LYS B 291 48.74 5.42 5.13
N ASP B 292 47.94 6.07 4.29
CA ASP B 292 48.44 6.61 3.02
C ASP B 292 48.83 8.08 3.17
N GLY B 293 49.33 8.42 4.36
CA GLY B 293 49.77 9.78 4.63
C GLY B 293 48.68 10.84 4.54
N ILE B 294 47.43 10.41 4.70
CA ILE B 294 46.30 11.34 4.62
C ILE B 294 45.81 11.78 5.99
N ASP B 295 45.40 13.04 6.08
CA ASP B 295 44.88 13.57 7.34
C ASP B 295 43.36 13.51 7.17
N TRP B 296 42.76 12.46 7.72
CA TRP B 296 41.31 12.24 7.63
C TRP B 296 40.48 13.50 7.76
N PHE B 297 40.65 14.21 8.88
CA PHE B 297 39.90 15.43 9.15
C PHE B 297 40.06 16.48 8.05
N ASP B 298 40.88 16.15 7.06
CA ASP B 298 41.13 17.05 5.93
C ASP B 298 40.47 16.45 4.70
N TYR B 299 40.62 15.13 4.53
CA TYR B 299 40.03 14.43 3.40
C TYR B 299 38.52 14.34 3.57
N LYS B 300 38.05 14.51 4.80
CA LYS B 300 36.61 14.46 5.08
C LYS B 300 36.02 15.81 4.69
N LYS B 301 36.84 16.85 4.81
CA LYS B 301 36.41 18.20 4.46
C LYS B 301 36.26 18.29 2.94
N GLN B 302 36.96 17.43 2.21
CA GLN B 302 36.88 17.40 0.75
C GLN B 302 35.59 16.71 0.32
N LEU B 303 35.33 15.56 0.95
CA LEU B 303 34.13 14.77 0.66
C LEU B 303 32.90 15.61 1.01
N LYS B 304 33.00 16.33 2.12
CA LYS B 304 31.92 17.17 2.60
C LYS B 304 31.59 18.27 1.60
N ARG B 305 32.61 18.76 0.90
CA ARG B 305 32.42 19.82 -0.09
C ARG B 305 31.92 19.21 -1.39
N GLY B 306 32.23 17.93 -1.61
CA GLY B 306 31.79 17.27 -2.82
C GLY B 306 30.46 16.55 -2.64
N ASP B 307 29.74 16.91 -1.59
CA ASP B 307 28.44 16.30 -1.29
C ASP B 307 28.49 14.79 -1.10
N GLN B 308 29.67 14.25 -0.81
CA GLN B 308 29.81 12.80 -0.63
C GLN B 308 29.86 12.37 0.83
N TRP B 309 29.73 13.33 1.73
CA TRP B 309 29.72 13.04 3.17
C TRP B 309 28.66 13.95 3.76
N ASN B 310 27.47 13.40 3.95
CA ASN B 310 26.32 14.13 4.45
C ASN B 310 25.89 13.66 5.84
N VAL B 311 25.86 14.59 6.79
CA VAL B 311 25.53 14.28 8.17
C VAL B 311 24.34 15.04 8.77
N GLU B 312 23.51 14.32 9.49
CA GLU B 312 22.34 14.89 10.15
C GLU B 312 22.16 14.12 11.46
N VAL B 313 22.81 14.60 12.51
CA VAL B 313 22.72 13.96 13.81
C VAL B 313 22.05 14.89 14.81
N TYR B 314 21.48 14.31 15.86
CA TYR B 314 20.78 15.09 16.85
C TYR B 314 20.73 14.39 18.20
#